data_8C14
#
_entry.id   8C14
#
_cell.length_a   81.038
_cell.length_b   81.038
_cell.length_c   138.181
_cell.angle_alpha   90.000
_cell.angle_beta   90.000
_cell.angle_gamma   90.000
#
_symmetry.space_group_name_H-M   'P 41 21 2'
#
loop_
_entity.id
_entity.type
_entity.pdbx_description
1 polymer 'Aurora kinase A'
2 non-polymer 'MAGNESIUM ION'
3 non-polymer 'SULFATE ION'
4 non-polymer 'CHLORIDE ION'
5 non-polymer 'DIMETHYL SULFOXIDE'
6 non-polymer 'ACETATE ION'
7 non-polymer "ADENOSINE-5'-DIPHOSPHATE"
8 non-polymer '(1~{R},2~{R})-cyclohexane-1,2-dicarboxylic acid'
9 non-polymer GLYCEROL
10 non-polymer '4-(4-chloranyl-3-cyano-phenyl)-1~{H}-indole-6-carboxylic acid'
11 water water
#
_entity_poly.entity_id   1
_entity_poly.type   'polypeptide(L)'
_entity_poly.pdbx_seq_one_letter_code
;GSMGSKRQWALEDFEIGRPLGKGKFGNVYLAREKQSKFILALKVLFKAQLEKAGVEHQLRREVEIQSHLRHPNILRLYGY
FHDATRVYLILEYAPLGTVYRELQKLSKFDEQRTATYITELANALSYCHSKRVIHRDIKPENLLLGSAGELKIADFGWSV
HAPSSRRT(TPO)LCGTLDYLPPEMIEGRMHDEKVDLWSLGVLCYEFLVGKPPFEANTYQETYKRISRVEFTFPDFVTEG
ARDLISRLLKHNPSQRPMLREVLEHPWITANSSKPS
;
_entity_poly.pdbx_strand_id   A
#
loop_
_chem_comp.id
_chem_comp.type
_chem_comp.name
_chem_comp.formula
ACT non-polymer 'ACETATE ION' 'C2 H3 O2 -1'
ADP non-polymer ADENOSINE-5'-DIPHOSPHATE 'C10 H15 N5 O10 P2'
CL non-polymer 'CHLORIDE ION' 'Cl -1'
DMS non-polymer 'DIMETHYL SULFOXIDE' 'C2 H6 O S'
GOL non-polymer GLYCEROL 'C3 H8 O3'
MG non-polymer 'MAGNESIUM ION' 'Mg 2'
SO4 non-polymer 'SULFATE ION' 'O4 S -2'
T0L non-polymer '4-(4-chloranyl-3-cyano-phenyl)-1~{H}-indole-6-carboxylic acid' 'C16 H9 Cl N2 O2'
T5L non-polymer '(1~{R},2~{R})-cyclohexane-1,2-dicarboxylic acid' 'C8 H12 O4'
#
# COMPACT_ATOMS: atom_id res chain seq x y z
N ARG A 7 20.52 -19.92 0.17
CA ARG A 7 19.70 -21.13 0.21
C ARG A 7 18.65 -21.12 1.33
N GLN A 8 18.92 -21.83 2.46
CA GLN A 8 18.04 -21.98 3.63
C GLN A 8 18.49 -21.22 4.88
N TRP A 9 17.84 -20.08 5.14
CA TRP A 9 18.18 -19.23 6.27
C TRP A 9 17.59 -19.70 7.56
N ALA A 10 18.21 -19.27 8.65
CA ALA A 10 17.77 -19.51 10.02
C ALA A 10 18.04 -18.20 10.78
N LEU A 11 17.44 -18.05 11.97
CA LEU A 11 17.59 -16.86 12.80
C LEU A 11 19.05 -16.59 13.18
N GLU A 12 19.82 -17.68 13.45
CA GLU A 12 21.26 -17.61 13.78
C GLU A 12 22.12 -16.96 12.67
N ASP A 13 21.59 -16.80 11.44
CA ASP A 13 22.34 -16.15 10.34
C ASP A 13 22.27 -14.63 10.41
N PHE A 14 21.49 -14.09 11.35
CA PHE A 14 21.26 -12.65 11.44
C PHE A 14 21.52 -12.09 12.81
N GLU A 15 21.89 -10.81 12.83
CA GLU A 15 21.97 -10.06 14.07
C GLU A 15 20.78 -9.12 13.98
N ILE A 16 19.92 -9.14 14.98
CA ILE A 16 18.70 -8.33 14.99
C ILE A 16 19.00 -6.98 15.64
N GLY A 17 18.37 -5.94 15.10
CA GLY A 17 18.51 -4.59 15.60
C GLY A 17 17.22 -4.00 16.09
N ARG A 18 17.09 -2.69 15.92
CA ARG A 18 15.92 -2.05 16.43
C ARG A 18 14.62 -2.43 15.65
N PRO A 19 13.47 -2.31 16.33
CA PRO A 19 12.20 -2.50 15.64
C PRO A 19 11.99 -1.36 14.63
N LEU A 20 11.56 -1.72 13.43
CA LEU A 20 11.30 -0.77 12.36
C LEU A 20 9.81 -0.36 12.34
N GLY A 21 8.94 -1.25 12.78
CA GLY A 21 7.52 -0.97 12.83
C GLY A 21 6.73 -2.12 13.41
N LYS A 22 5.53 -1.82 13.88
CA LYS A 22 4.66 -2.83 14.45
C LYS A 22 3.65 -3.22 13.41
N GLY A 23 3.43 -4.52 13.32
CA GLY A 23 2.44 -5.07 12.42
C GLY A 23 1.30 -5.70 13.20
N LYS A 24 0.26 -6.12 12.46
CA LYS A 24 -0.91 -6.79 13.03
C LYS A 24 -0.52 -8.14 13.65
N PHE A 25 0.35 -8.95 12.97
CA PHE A 25 0.69 -10.29 13.48
C PHE A 25 2.09 -10.51 14.09
N GLY A 26 2.81 -9.42 14.35
CA GLY A 26 4.15 -9.43 14.97
C GLY A 26 4.84 -8.10 14.74
N ASN A 27 6.16 -8.11 14.54
CA ASN A 27 6.90 -6.86 14.33
C ASN A 27 7.94 -6.98 13.23
N VAL A 28 8.39 -5.83 12.71
CA VAL A 28 9.42 -5.80 11.69
C VAL A 28 10.67 -5.23 12.37
N TYR A 29 11.81 -5.91 12.17
CA TYR A 29 13.07 -5.49 12.78
C TYR A 29 14.11 -5.25 11.74
N LEU A 30 15.01 -4.31 12.03
CA LEU A 30 16.20 -4.13 11.23
C LEU A 30 17.10 -5.35 11.54
N ALA A 31 17.79 -5.88 10.55
CA ALA A 31 18.67 -7.02 10.77
C ALA A 31 19.89 -6.96 9.83
N ARG A 32 20.94 -7.70 10.19
CA ARG A 32 22.18 -7.75 9.42
C ARG A 32 22.50 -9.22 9.20
N GLU A 33 22.74 -9.65 7.95
CA GLU A 33 23.15 -11.04 7.71
C GLU A 33 24.61 -11.10 8.20
N LYS A 34 24.93 -12.05 9.08
CA LYS A 34 26.24 -12.15 9.77
C LYS A 34 27.47 -12.21 8.86
N GLN A 35 27.46 -13.01 7.79
CA GLN A 35 28.62 -13.16 6.90
C GLN A 35 28.86 -11.97 5.98
N SER A 36 27.82 -11.52 5.26
CA SER A 36 27.89 -10.40 4.31
C SER A 36 27.81 -9.04 4.94
N LYS A 37 27.24 -8.93 6.16
CA LYS A 37 26.97 -7.66 6.85
C LYS A 37 25.85 -6.84 6.12
N PHE A 38 25.16 -7.50 5.19
CA PHE A 38 24.05 -6.95 4.44
C PHE A 38 22.87 -6.59 5.36
N ILE A 39 22.38 -5.35 5.23
CA ILE A 39 21.29 -4.81 6.02
C ILE A 39 19.95 -5.12 5.35
N LEU A 40 19.03 -5.69 6.13
CA LEU A 40 17.71 -6.06 5.64
C LEU A 40 16.67 -5.88 6.77
N ALA A 41 15.41 -6.20 6.48
CA ALA A 41 14.33 -6.10 7.48
C ALA A 41 13.71 -7.48 7.64
N LEU A 42 13.50 -7.91 8.89
CA LEU A 42 12.89 -9.20 9.14
C LEU A 42 11.47 -8.96 9.65
N LYS A 43 10.46 -9.36 8.84
CA LYS A 43 9.06 -9.24 9.28
C LYS A 43 8.76 -10.54 10.06
N VAL A 44 8.52 -10.40 11.38
CA VAL A 44 8.28 -11.54 12.27
C VAL A 44 6.80 -11.72 12.55
N LEU A 45 6.29 -12.94 12.33
CA LEU A 45 4.88 -13.22 12.57
C LEU A 45 4.73 -14.37 13.55
N PHE A 46 3.78 -14.26 14.48
CA PHE A 46 3.57 -15.35 15.46
C PHE A 46 2.61 -16.39 14.91
N LYS A 47 3.09 -17.63 14.80
CA LYS A 47 2.31 -18.76 14.30
C LYS A 47 0.97 -18.93 15.03
N ALA A 48 0.98 -18.84 16.38
CA ALA A 48 -0.24 -18.97 17.20
C ALA A 48 -1.27 -17.91 16.80
N GLN A 49 -0.82 -16.65 16.56
CA GLN A 49 -1.76 -15.59 16.14
C GLN A 49 -2.28 -15.81 14.72
N LEU A 50 -1.40 -16.20 13.79
CA LEU A 50 -1.81 -16.48 12.41
C LEU A 50 -2.86 -17.64 12.40
N GLU A 51 -2.60 -18.69 13.20
CA GLU A 51 -3.47 -19.87 13.30
C GLU A 51 -4.82 -19.56 13.92
N LYS A 52 -4.84 -18.75 15.01
CA LYS A 52 -6.11 -18.34 15.64
C LYS A 52 -6.94 -17.54 14.64
N ALA A 53 -6.33 -16.63 13.86
CA ALA A 53 -7.06 -15.81 12.88
C ALA A 53 -7.44 -16.55 11.57
N GLY A 54 -6.79 -17.67 11.29
CA GLY A 54 -7.03 -18.43 10.05
C GLY A 54 -6.57 -17.73 8.78
N VAL A 55 -5.43 -17.02 8.86
CA VAL A 55 -4.93 -16.22 7.74
C VAL A 55 -3.70 -16.83 7.05
N GLU A 56 -3.43 -18.13 7.27
CA GLU A 56 -2.28 -18.81 6.63
C GLU A 56 -2.31 -18.75 5.11
N HIS A 57 -3.51 -18.83 4.50
CA HIS A 57 -3.71 -18.81 3.05
C HIS A 57 -3.33 -17.43 2.49
N GLN A 58 -3.64 -16.36 3.22
CA GLN A 58 -3.29 -15.00 2.83
C GLN A 58 -1.78 -14.74 2.98
N LEU A 59 -1.14 -15.36 3.99
CA LEU A 59 0.32 -15.29 4.19
C LEU A 59 1.02 -15.98 3.03
N ARG A 60 0.47 -17.13 2.58
CA ARG A 60 1.05 -17.84 1.44
C ARG A 60 0.99 -16.95 0.19
N ARG A 61 -0.11 -16.22 -0.02
CA ARG A 61 -0.22 -15.29 -1.16
C ARG A 61 0.78 -14.14 -1.05
N GLU A 62 0.95 -13.57 0.14
CA GLU A 62 1.88 -12.47 0.36
C GLU A 62 3.25 -12.90 -0.10
N VAL A 63 3.68 -14.06 0.36
CA VAL A 63 4.98 -14.62 0.06
C VAL A 63 5.15 -14.99 -1.44
N GLU A 64 4.18 -15.74 -2.03
CA GLU A 64 4.22 -16.16 -3.43
C GLU A 64 4.13 -15.00 -4.40
N ILE A 65 3.25 -14.04 -4.13
CA ILE A 65 3.14 -12.87 -5.00
C ILE A 65 4.38 -11.96 -4.89
N GLN A 66 4.71 -11.51 -3.67
CA GLN A 66 5.83 -10.58 -3.50
C GLN A 66 7.18 -11.13 -3.96
N SER A 67 7.39 -12.46 -3.78
CA SER A 67 8.62 -13.15 -4.20
C SER A 67 8.96 -12.96 -5.65
N HIS A 68 7.95 -12.99 -6.54
CA HIS A 68 8.12 -12.95 -7.98
C HIS A 68 8.06 -11.56 -8.61
N LEU A 69 7.77 -10.52 -7.82
CA LEU A 69 7.75 -9.18 -8.37
C LEU A 69 9.14 -8.58 -8.37
N ARG A 70 9.50 -7.87 -9.46
CA ARG A 70 10.79 -7.20 -9.64
C ARG A 70 10.55 -5.83 -10.22
N HIS A 71 10.49 -4.80 -9.37
CA HIS A 71 10.26 -3.44 -9.84
C HIS A 71 10.91 -2.49 -8.84
N PRO A 72 11.57 -1.39 -9.31
CA PRO A 72 12.24 -0.47 -8.37
C PRO A 72 11.32 0.20 -7.35
N ASN A 73 10.00 0.27 -7.64
CA ASN A 73 9.04 0.86 -6.71
C ASN A 73 8.17 -0.17 -5.94
N ILE A 74 8.64 -1.42 -5.88
CA ILE A 74 8.01 -2.51 -5.12
C ILE A 74 9.08 -3.11 -4.22
N LEU A 75 8.78 -3.22 -2.92
CA LEU A 75 9.70 -3.79 -1.96
C LEU A 75 9.94 -5.27 -2.27
N ARG A 76 11.21 -5.66 -2.30
CA ARG A 76 11.59 -7.03 -2.56
C ARG A 76 11.40 -7.89 -1.31
N LEU A 77 11.00 -9.14 -1.53
CA LEU A 77 10.94 -10.18 -0.52
C LEU A 77 11.99 -11.19 -0.96
N TYR A 78 13.10 -11.27 -0.20
CA TYR A 78 14.26 -12.13 -0.55
C TYR A 78 14.13 -13.60 -0.19
N GLY A 79 13.44 -13.88 0.91
CA GLY A 79 13.25 -15.23 1.39
C GLY A 79 12.40 -15.26 2.65
N TYR A 80 12.34 -16.42 3.27
CA TYR A 80 11.55 -16.70 4.44
C TYR A 80 11.99 -17.98 5.09
N PHE A 81 11.69 -18.11 6.37
CA PHE A 81 12.00 -19.28 7.16
C PHE A 81 11.11 -19.24 8.38
N HIS A 82 11.19 -20.29 9.19
CA HIS A 82 10.36 -20.36 10.38
C HIS A 82 11.01 -21.24 11.42
N ASP A 83 10.64 -21.01 12.66
CA ASP A 83 11.09 -21.81 13.79
C ASP A 83 9.82 -22.31 14.51
N ALA A 84 9.92 -22.86 15.74
CA ALA A 84 8.76 -23.44 16.43
C ALA A 84 7.57 -22.48 16.62
N THR A 85 7.83 -21.18 16.85
CA THR A 85 6.75 -20.23 17.15
C THR A 85 6.56 -19.09 16.14
N ARG A 86 7.54 -18.84 15.26
CA ARG A 86 7.49 -17.69 14.38
C ARG A 86 7.80 -17.97 12.95
N VAL A 87 7.31 -17.10 12.07
CA VAL A 87 7.58 -17.09 10.63
C VAL A 87 8.34 -15.78 10.40
N TYR A 88 9.39 -15.83 9.55
CA TYR A 88 10.24 -14.66 9.29
C TYR A 88 10.26 -14.40 7.82
N LEU A 89 9.90 -13.18 7.42
CA LEU A 89 9.97 -12.76 6.02
C LEU A 89 11.21 -11.89 5.91
N ILE A 90 12.11 -12.19 4.96
CA ILE A 90 13.36 -11.45 4.73
C ILE A 90 13.05 -10.41 3.68
N LEU A 91 12.97 -9.17 4.10
CA LEU A 91 12.60 -8.10 3.20
C LEU A 91 13.72 -7.17 2.92
N GLU A 92 13.63 -6.49 1.78
CA GLU A 92 14.51 -5.40 1.43
C GLU A 92 14.25 -4.30 2.50
N TYR A 93 15.31 -3.72 3.04
CA TYR A 93 15.16 -2.67 4.05
C TYR A 93 14.90 -1.33 3.33
N ALA A 94 13.90 -0.54 3.80
CA ALA A 94 13.56 0.78 3.25
C ALA A 94 14.04 1.81 4.26
N PRO A 95 15.20 2.45 3.97
CA PRO A 95 15.85 3.29 4.99
C PRO A 95 15.21 4.60 5.37
N LEU A 96 14.32 5.15 4.51
CA LEU A 96 13.71 6.45 4.82
C LEU A 96 12.30 6.35 5.45
N GLY A 97 11.95 5.16 5.90
CA GLY A 97 10.70 4.96 6.61
C GLY A 97 9.45 4.96 5.76
N THR A 98 8.30 5.23 6.39
CA THR A 98 7.00 5.23 5.71
C THR A 98 6.56 6.62 5.27
N VAL A 99 5.68 6.64 4.26
CA VAL A 99 5.00 7.85 3.79
C VAL A 99 4.05 8.31 4.93
N TYR A 100 3.56 7.36 5.73
CA TYR A 100 2.71 7.66 6.89
C TYR A 100 3.45 8.63 7.83
N ARG A 101 4.72 8.29 8.19
CA ARG A 101 5.57 9.11 9.07
C ARG A 101 5.88 10.47 8.43
N GLU A 102 6.21 10.47 7.12
CA GLU A 102 6.49 11.69 6.36
C GLU A 102 5.28 12.65 6.40
N LEU A 103 4.06 12.11 6.24
CA LEU A 103 2.84 12.88 6.32
C LEU A 103 2.57 13.40 7.74
N GLN A 104 2.93 12.65 8.81
CA GLN A 104 2.75 13.16 10.18
C GLN A 104 3.71 14.33 10.44
N LYS A 105 4.95 14.25 9.89
CA LYS A 105 5.95 15.31 10.05
C LYS A 105 5.56 16.58 9.30
N LEU A 106 5.28 16.45 7.99
CA LEU A 106 4.98 17.58 7.10
C LEU A 106 3.55 18.08 7.18
N SER A 107 2.60 17.28 7.72
CA SER A 107 1.16 17.60 7.83
C SER A 107 0.45 17.39 6.46
N LYS A 108 0.99 17.95 5.39
CA LYS A 108 0.53 17.80 4.02
C LYS A 108 1.68 17.99 3.09
N PHE A 109 1.59 17.40 1.90
CA PHE A 109 2.60 17.46 0.87
C PHE A 109 2.23 18.51 -0.18
N ASP A 110 3.27 19.10 -0.79
CA ASP A 110 3.04 20.08 -1.85
C ASP A 110 2.70 19.27 -3.11
N GLU A 111 2.31 19.96 -4.18
CA GLU A 111 1.91 19.30 -5.43
C GLU A 111 3.02 18.53 -6.09
N GLN A 112 4.27 19.00 -5.96
CA GLN A 112 5.40 18.32 -6.56
C GLN A 112 5.68 16.98 -5.90
N ARG A 113 5.77 16.96 -4.56
CA ARG A 113 5.98 15.71 -3.82
C ARG A 113 4.80 14.73 -4.08
N THR A 114 3.55 15.24 -4.10
CA THR A 114 2.35 14.40 -4.35
C THR A 114 2.38 13.77 -5.72
N ALA A 115 2.64 14.60 -6.79
CA ALA A 115 2.66 14.08 -8.15
C ALA A 115 3.75 13.08 -8.37
N THR A 116 4.90 13.28 -7.70
CA THR A 116 6.03 12.34 -7.79
C THR A 116 5.66 11.03 -7.13
N TYR A 117 5.10 11.08 -5.89
CA TYR A 117 4.68 9.83 -5.22
C TYR A 117 3.61 9.12 -6.03
N ILE A 118 2.61 9.88 -6.57
CA ILE A 118 1.53 9.28 -7.38
C ILE A 118 2.11 8.63 -8.62
N THR A 119 3.11 9.27 -9.28
CA THR A 119 3.77 8.67 -10.44
C THR A 119 4.45 7.36 -10.08
N GLU A 120 5.21 7.35 -8.96
CA GLU A 120 5.90 6.13 -8.54
C GLU A 120 4.93 5.02 -8.23
N LEU A 121 3.84 5.37 -7.55
CA LEU A 121 2.78 4.44 -7.22
C LEU A 121 2.11 3.89 -8.47
N ALA A 122 1.77 4.77 -9.43
CA ALA A 122 1.15 4.37 -10.71
C ALA A 122 2.08 3.44 -11.51
N ASN A 123 3.41 3.70 -11.49
CA ASN A 123 4.37 2.80 -12.16
C ASN A 123 4.42 1.44 -11.51
N ALA A 124 4.46 1.41 -10.16
CA ALA A 124 4.49 0.14 -9.43
C ALA A 124 3.20 -0.66 -9.67
N LEU A 125 2.03 0.00 -9.58
CA LEU A 125 0.75 -0.66 -9.78
C LEU A 125 0.56 -1.11 -11.25
N SER A 126 1.08 -0.32 -12.21
CA SER A 126 1.01 -0.69 -13.64
C SER A 126 1.75 -2.02 -13.83
N TYR A 127 2.90 -2.18 -13.19
CA TYR A 127 3.65 -3.44 -13.23
C TYR A 127 2.84 -4.59 -12.57
N CYS A 128 2.27 -4.34 -11.37
CA CYS A 128 1.46 -5.37 -10.67
C CYS A 128 0.31 -5.83 -11.55
N HIS A 129 -0.45 -4.85 -12.07
CA HIS A 129 -1.65 -5.09 -12.89
C HIS A 129 -1.33 -5.79 -14.20
N SER A 130 -0.11 -5.65 -14.72
CA SER A 130 0.34 -6.34 -15.94
C SER A 130 0.36 -7.86 -15.68
N LYS A 131 0.43 -8.27 -14.39
CA LYS A 131 0.44 -9.68 -13.99
C LYS A 131 -0.88 -10.08 -13.33
N ARG A 132 -1.88 -9.19 -13.38
CA ARG A 132 -3.19 -9.31 -12.74
C ARG A 132 -3.06 -9.40 -11.21
N VAL A 133 -1.99 -8.81 -10.64
CA VAL A 133 -1.82 -8.78 -9.18
C VAL A 133 -2.46 -7.50 -8.69
N ILE A 134 -3.36 -7.60 -7.73
CA ILE A 134 -3.97 -6.43 -7.13
C ILE A 134 -3.53 -6.36 -5.67
N HIS A 135 -3.06 -5.19 -5.25
CA HIS A 135 -2.49 -5.00 -3.92
C HIS A 135 -3.57 -4.98 -2.84
N ARG A 136 -4.60 -4.11 -3.02
CA ARG A 136 -5.78 -3.96 -2.17
C ARG A 136 -5.53 -3.37 -0.78
N ASP A 137 -4.27 -2.99 -0.44
CA ASP A 137 -3.98 -2.43 0.88
C ASP A 137 -3.00 -1.29 0.77
N ILE A 138 -3.23 -0.51 -0.28
CA ILE A 138 -2.50 0.70 -0.57
C ILE A 138 -2.96 1.74 0.45
N LYS A 139 -2.06 2.05 1.37
CA LYS A 139 -2.24 3.05 2.45
C LYS A 139 -0.89 3.56 2.91
N PRO A 140 -0.80 4.79 3.48
CA PRO A 140 0.51 5.38 3.78
C PRO A 140 1.47 4.51 4.61
N GLU A 141 0.96 3.75 5.57
CA GLU A 141 1.82 2.89 6.40
C GLU A 141 2.48 1.75 5.60
N ASN A 142 1.94 1.44 4.40
CA ASN A 142 2.46 0.38 3.55
C ASN A 142 3.29 0.90 2.37
N LEU A 143 3.55 2.21 2.35
CA LEU A 143 4.35 2.86 1.32
C LEU A 143 5.67 3.27 1.98
N LEU A 144 6.71 2.57 1.60
CA LEU A 144 8.02 2.83 2.23
C LEU A 144 8.89 3.69 1.33
N LEU A 145 9.98 4.20 1.88
CA LEU A 145 10.86 5.07 1.11
C LEU A 145 12.27 4.51 1.06
N GLY A 146 12.78 4.37 -0.16
CA GLY A 146 14.12 3.88 -0.43
C GLY A 146 15.18 4.93 -0.11
N SER A 147 16.45 4.60 -0.37
CA SER A 147 17.58 5.51 -0.10
C SER A 147 17.54 6.81 -0.91
N ALA A 148 16.89 6.81 -2.09
CA ALA A 148 16.74 8.03 -2.91
C ALA A 148 15.40 8.77 -2.64
N GLY A 149 14.69 8.36 -1.59
CA GLY A 149 13.39 8.93 -1.24
C GLY A 149 12.27 8.45 -2.16
N GLU A 150 12.55 7.42 -2.96
CA GLU A 150 11.61 6.83 -3.92
C GLU A 150 10.62 5.92 -3.19
N LEU A 151 9.35 5.99 -3.61
CA LEU A 151 8.28 5.19 -3.01
C LEU A 151 8.41 3.73 -3.37
N LYS A 152 8.22 2.85 -2.36
CA LYS A 152 8.23 1.42 -2.55
C LYS A 152 6.98 0.86 -1.94
N ILE A 153 6.20 0.17 -2.76
CA ILE A 153 4.96 -0.46 -2.30
C ILE A 153 5.36 -1.69 -1.50
N ALA A 154 4.81 -1.83 -0.31
CA ALA A 154 5.13 -2.96 0.56
C ALA A 154 3.82 -3.56 1.09
N ASP A 155 3.96 -4.59 1.93
CA ASP A 155 2.86 -5.28 2.63
C ASP A 155 1.84 -5.87 1.65
N PHE A 156 2.20 -7.01 1.06
CA PHE A 156 1.39 -7.74 0.08
C PHE A 156 0.45 -8.72 0.80
N GLY A 157 0.23 -8.46 2.10
CA GLY A 157 -0.63 -9.24 2.99
C GLY A 157 -2.01 -9.54 2.44
N TRP A 158 -2.65 -8.57 1.78
CA TRP A 158 -3.99 -8.71 1.18
C TRP A 158 -3.99 -8.87 -0.34
N SER A 159 -2.80 -8.99 -0.98
CA SER A 159 -2.72 -9.08 -2.44
C SER A 159 -3.27 -10.40 -2.94
N VAL A 160 -3.88 -10.34 -4.13
CA VAL A 160 -4.52 -11.47 -4.81
C VAL A 160 -4.37 -11.27 -6.31
N HIS A 161 -4.74 -12.31 -7.06
CA HIS A 161 -4.84 -12.22 -8.50
C HIS A 161 -6.28 -11.80 -8.82
N ALA A 162 -6.41 -10.84 -9.73
CA ALA A 162 -7.70 -10.29 -10.17
C ALA A 162 -8.41 -11.23 -11.17
N PRO A 163 -9.76 -11.33 -11.15
CA PRO A 163 -10.70 -10.72 -10.20
C PRO A 163 -10.83 -11.56 -8.94
N SER A 164 -11.36 -10.96 -7.86
CA SER A 164 -11.53 -11.63 -6.58
C SER A 164 -12.72 -11.04 -5.82
N SER A 165 -13.23 -11.79 -4.85
CA SER A 165 -14.30 -11.31 -3.97
C SER A 165 -13.95 -11.49 -2.49
N ARG A 166 -12.66 -11.82 -2.18
CA ARG A 166 -12.14 -11.99 -0.80
C ARG A 166 -12.28 -10.69 -0.03
N ARG A 167 -12.48 -10.77 1.29
CA ARG A 167 -12.91 -9.64 2.10
C ARG A 167 -11.91 -8.77 2.91
N THR A 168 -10.61 -9.03 2.89
CA THR A 168 -9.60 -8.25 3.67
C THR A 168 -10.08 -8.02 5.14
N TPO A 169 -9.75 -6.87 5.74
CA TPO A 169 -10.11 -6.54 7.12
CB TPO A 169 -9.50 -5.14 7.44
CG2 TPO A 169 -10.25 -3.85 6.97
OG1 TPO A 169 -9.19 -5.11 8.84
P TPO A 169 -7.78 -5.66 9.24
O1P TPO A 169 -7.69 -7.21 9.09
O2P TPO A 169 -7.76 -5.32 10.75
O3P TPO A 169 -6.62 -5.00 8.41
C TPO A 169 -11.61 -6.59 7.45
O TPO A 169 -12.45 -6.28 6.60
N LEU A 170 -11.93 -7.00 8.69
CA LEU A 170 -13.31 -7.04 9.15
C LEU A 170 -13.65 -5.81 9.95
N CYS A 171 -12.70 -5.36 10.81
CA CYS A 171 -12.91 -4.17 11.64
C CYS A 171 -11.82 -3.09 11.50
N GLY A 172 -10.85 -3.30 10.60
CA GLY A 172 -9.78 -2.33 10.36
C GLY A 172 -10.23 -1.14 9.53
N THR A 173 -9.38 -0.15 9.37
CA THR A 173 -9.70 1.07 8.59
C THR A 173 -10.34 0.78 7.20
N LEU A 174 -11.41 1.50 6.88
CA LEU A 174 -12.07 1.38 5.58
C LEU A 174 -11.64 2.53 4.66
N ASP A 175 -10.93 3.53 5.20
CA ASP A 175 -10.60 4.79 4.52
C ASP A 175 -10.04 4.67 3.11
N TYR A 176 -9.27 3.59 2.80
CA TYR A 176 -8.64 3.43 1.48
C TYR A 176 -9.38 2.45 0.58
N LEU A 177 -10.43 1.81 1.10
CA LEU A 177 -11.18 0.80 0.33
C LEU A 177 -12.29 1.35 -0.54
N PRO A 178 -12.44 0.79 -1.77
CA PRO A 178 -13.51 1.25 -2.66
C PRO A 178 -14.87 0.67 -2.26
N PRO A 179 -15.98 1.28 -2.75
CA PRO A 179 -17.33 0.76 -2.41
C PRO A 179 -17.51 -0.72 -2.69
N GLU A 180 -17.05 -1.22 -3.85
CA GLU A 180 -17.20 -2.65 -4.20
C GLU A 180 -16.48 -3.59 -3.25
N MET A 181 -15.42 -3.12 -2.53
CA MET A 181 -14.71 -3.97 -1.58
C MET A 181 -15.42 -4.01 -0.23
N ILE A 182 -15.87 -2.84 0.27
CA ILE A 182 -16.59 -2.72 1.55
C ILE A 182 -17.94 -3.47 1.46
N GLU A 183 -18.51 -3.58 0.24
CA GLU A 183 -19.77 -4.26 -0.05
C GLU A 183 -19.65 -5.78 -0.28
N GLY A 184 -18.43 -6.28 -0.38
CA GLY A 184 -18.17 -7.71 -0.57
C GLY A 184 -18.37 -8.21 -1.98
N ARG A 185 -18.52 -7.27 -2.93
CA ARG A 185 -18.70 -7.54 -4.34
C ARG A 185 -17.41 -8.03 -5.02
N MET A 186 -17.55 -8.53 -6.26
CA MET A 186 -16.43 -8.98 -7.11
C MET A 186 -15.67 -7.70 -7.47
N HIS A 187 -14.34 -7.77 -7.42
CA HIS A 187 -13.52 -6.60 -7.71
C HIS A 187 -12.27 -6.97 -8.48
N ASP A 188 -11.61 -5.98 -9.06
CA ASP A 188 -10.44 -6.23 -9.87
C ASP A 188 -9.38 -5.12 -9.65
N GLU A 189 -8.51 -4.89 -10.65
CA GLU A 189 -7.45 -3.88 -10.70
C GLU A 189 -7.90 -2.48 -10.30
N LYS A 190 -9.17 -2.15 -10.63
CA LYS A 190 -9.76 -0.83 -10.35
C LYS A 190 -9.81 -0.46 -8.87
N VAL A 191 -9.67 -1.43 -7.97
CA VAL A 191 -9.66 -1.14 -6.51
C VAL A 191 -8.43 -0.28 -6.18
N ASP A 192 -7.27 -0.59 -6.83
CA ASP A 192 -6.01 0.15 -6.58
C ASP A 192 -6.08 1.57 -7.13
N LEU A 193 -6.89 1.78 -8.18
CA LEU A 193 -7.11 3.09 -8.78
C LEU A 193 -7.88 3.96 -7.81
N TRP A 194 -8.89 3.41 -7.14
CA TRP A 194 -9.64 4.16 -6.12
C TRP A 194 -8.67 4.55 -4.95
N SER A 195 -7.87 3.59 -4.45
CA SER A 195 -6.92 3.83 -3.34
C SER A 195 -5.92 4.92 -3.74
N LEU A 196 -5.53 4.96 -5.03
CA LEU A 196 -4.64 6.00 -5.57
C LEU A 196 -5.26 7.38 -5.45
N GLY A 197 -6.57 7.48 -5.69
CA GLY A 197 -7.32 8.73 -5.56
C GLY A 197 -7.44 9.17 -4.12
N VAL A 198 -7.69 8.22 -3.20
CA VAL A 198 -7.75 8.48 -1.74
C VAL A 198 -6.37 9.06 -1.28
N LEU A 199 -5.27 8.38 -1.69
CA LEU A 199 -3.89 8.81 -1.35
C LEU A 199 -3.57 10.19 -1.90
N CYS A 200 -3.94 10.46 -3.17
CA CYS A 200 -3.68 11.78 -3.77
C CYS A 200 -4.35 12.88 -2.95
N TYR A 201 -5.59 12.64 -2.52
CA TYR A 201 -6.32 13.58 -1.68
C TYR A 201 -5.64 13.73 -0.33
N GLU A 202 -5.34 12.60 0.33
CA GLU A 202 -4.73 12.67 1.68
C GLU A 202 -3.37 13.37 1.66
N PHE A 203 -2.58 13.14 0.63
CA PHE A 203 -1.26 13.78 0.48
C PHE A 203 -1.39 15.29 0.43
N LEU A 204 -2.36 15.81 -0.36
CA LEU A 204 -2.55 17.25 -0.49
C LEU A 204 -3.28 17.88 0.70
N VAL A 205 -4.24 17.16 1.28
CA VAL A 205 -5.10 17.71 2.33
C VAL A 205 -4.63 17.40 3.76
N GLY A 206 -3.96 16.28 3.95
CA GLY A 206 -3.48 15.83 5.27
C GLY A 206 -4.38 14.80 5.93
N LYS A 207 -5.57 14.54 5.37
CA LYS A 207 -6.53 13.56 5.91
C LYS A 207 -7.27 12.85 4.74
N PRO A 208 -7.60 11.53 4.85
CA PRO A 208 -8.32 10.90 3.73
C PRO A 208 -9.73 11.51 3.56
N PRO A 209 -10.28 11.43 2.33
CA PRO A 209 -11.55 12.15 2.02
C PRO A 209 -12.82 11.72 2.73
N PHE A 210 -12.90 10.45 3.13
CA PHE A 210 -14.12 9.91 3.78
C PHE A 210 -14.01 9.72 5.25
N GLU A 211 -12.98 10.32 5.86
CA GLU A 211 -12.72 10.19 7.28
C GLU A 211 -13.90 10.64 8.15
N ALA A 212 -14.25 9.79 9.12
CA ALA A 212 -15.35 10.05 10.06
C ALA A 212 -15.09 9.37 11.42
N ASN A 213 -15.80 9.84 12.48
CA ASN A 213 -15.69 9.32 13.86
C ASN A 213 -16.06 7.85 13.97
N THR A 214 -17.01 7.39 13.16
CA THR A 214 -17.43 6.01 13.23
C THR A 214 -17.19 5.29 11.95
N TYR A 215 -17.19 4.00 12.07
CA TYR A 215 -17.05 3.06 10.99
C TYR A 215 -18.24 3.17 10.01
N GLN A 216 -19.48 3.19 10.54
CA GLN A 216 -20.72 3.29 9.78
C GLN A 216 -20.77 4.60 8.97
N GLU A 217 -20.38 5.73 9.57
CA GLU A 217 -20.37 7.01 8.87
C GLU A 217 -19.28 7.01 7.76
N THR A 218 -18.11 6.37 8.01
CA THR A 218 -17.05 6.29 6.98
C THR A 218 -17.59 5.44 5.83
N TYR A 219 -18.25 4.31 6.17
CA TYR A 219 -18.87 3.41 5.20
C TYR A 219 -19.88 4.16 4.34
N LYS A 220 -20.77 4.91 4.99
CA LYS A 220 -21.79 5.71 4.29
C LYS A 220 -21.10 6.69 3.28
N ARG A 221 -20.10 7.43 3.75
CA ARG A 221 -19.35 8.40 2.92
C ARG A 221 -18.70 7.77 1.74
N ILE A 222 -18.07 6.59 1.95
CA ILE A 222 -17.43 5.85 0.86
C ILE A 222 -18.47 5.37 -0.13
N SER A 223 -19.55 4.75 0.38
CA SER A 223 -20.57 4.21 -0.54
C SER A 223 -21.28 5.28 -1.38
N ARG A 224 -21.45 6.50 -0.86
N ARG A 224 -21.43 6.47 -0.81
CA ARG A 224 -22.10 7.58 -1.63
CA ARG A 224 -22.11 7.60 -1.46
C ARG A 224 -21.09 8.48 -2.36
C ARG A 224 -21.11 8.58 -2.15
N VAL A 225 -19.78 8.27 -2.08
CA VAL A 225 -18.64 9.04 -2.65
C VAL A 225 -18.79 10.51 -2.20
N GLU A 226 -18.97 10.68 -0.88
CA GLU A 226 -19.19 11.98 -0.27
C GLU A 226 -17.93 12.59 0.22
N PHE A 227 -17.35 13.47 -0.60
CA PHE A 227 -16.18 14.24 -0.16
C PHE A 227 -16.21 15.63 -0.78
N THR A 228 -15.54 16.56 -0.12
CA THR A 228 -15.37 17.93 -0.59
C THR A 228 -13.88 18.30 -0.49
N PHE A 229 -13.48 19.27 -1.26
CA PHE A 229 -12.11 19.73 -1.27
C PHE A 229 -11.98 21.03 -0.48
N PRO A 230 -10.92 21.17 0.35
CA PRO A 230 -10.63 22.50 0.93
C PRO A 230 -10.25 23.44 -0.24
N ASP A 231 -10.38 24.76 -0.04
CA ASP A 231 -10.14 25.76 -1.09
C ASP A 231 -8.77 25.73 -1.74
N PHE A 232 -7.70 25.40 -0.98
CA PHE A 232 -6.34 25.39 -1.55
C PHE A 232 -6.08 24.30 -2.60
N VAL A 233 -6.93 23.24 -2.69
CA VAL A 233 -6.70 22.17 -3.69
C VAL A 233 -6.95 22.75 -5.06
N THR A 234 -5.94 22.67 -5.93
CA THR A 234 -6.04 23.25 -7.28
C THR A 234 -6.95 22.45 -8.20
N GLU A 235 -7.42 23.12 -9.27
CA GLU A 235 -8.29 22.57 -10.31
C GLU A 235 -7.77 21.25 -10.88
N GLY A 236 -6.46 21.19 -11.21
CA GLY A 236 -5.83 19.99 -11.76
C GLY A 236 -5.85 18.79 -10.82
N ALA A 237 -5.59 19.02 -9.52
CA ALA A 237 -5.59 17.95 -8.49
C ALA A 237 -7.05 17.49 -8.29
N ARG A 238 -8.02 18.44 -8.24
CA ARG A 238 -9.46 18.14 -8.10
C ARG A 238 -9.92 17.26 -9.26
N ASP A 239 -9.47 17.59 -10.49
CA ASP A 239 -9.83 16.83 -11.68
C ASP A 239 -9.33 15.38 -11.60
N LEU A 240 -8.03 15.18 -11.29
CA LEU A 240 -7.49 13.83 -11.18
C LEU A 240 -8.17 13.03 -10.07
N ILE A 241 -8.30 13.61 -8.86
CA ILE A 241 -8.94 12.94 -7.72
C ILE A 241 -10.40 12.57 -8.06
N SER A 242 -11.16 13.51 -8.67
CA SER A 242 -12.56 13.24 -9.07
C SER A 242 -12.65 12.13 -10.09
N ARG A 243 -11.66 11.99 -10.99
CA ARG A 243 -11.67 10.88 -11.94
C ARG A 243 -11.37 9.55 -11.26
N LEU A 244 -10.49 9.56 -10.23
CA LEU A 244 -10.14 8.30 -9.58
C LEU A 244 -11.24 7.82 -8.64
N LEU A 245 -11.86 8.75 -7.92
CA LEU A 245 -12.90 8.43 -6.94
C LEU A 245 -14.30 8.30 -7.57
N LYS A 246 -14.45 7.36 -8.49
CA LYS A 246 -15.75 7.11 -9.13
C LYS A 246 -16.29 5.83 -8.54
N HIS A 247 -17.60 5.84 -8.15
CA HIS A 247 -18.28 4.66 -7.62
C HIS A 247 -18.18 3.50 -8.62
N ASN A 248 -18.42 3.78 -9.91
CA ASN A 248 -18.35 2.73 -10.93
C ASN A 248 -16.89 2.48 -11.25
N PRO A 249 -16.37 1.25 -10.92
CA PRO A 249 -14.94 0.95 -11.16
C PRO A 249 -14.52 1.07 -12.61
N SER A 250 -15.45 0.72 -13.54
CA SER A 250 -15.22 0.82 -14.99
C SER A 250 -14.98 2.24 -15.46
N GLN A 251 -15.50 3.24 -14.72
N GLN A 251 -15.50 3.25 -14.73
CA GLN A 251 -15.32 4.67 -15.03
CA GLN A 251 -15.30 4.67 -15.06
C GLN A 251 -13.98 5.23 -14.52
C GLN A 251 -13.96 5.22 -14.54
N ARG A 252 -13.22 4.44 -13.73
CA ARG A 252 -11.91 4.86 -13.20
C ARG A 252 -10.88 4.80 -14.33
N PRO A 253 -9.98 5.79 -14.45
CA PRO A 253 -9.05 5.77 -15.57
C PRO A 253 -8.03 4.65 -15.50
N MET A 254 -7.31 4.44 -16.61
N MET A 254 -7.30 4.47 -16.60
CA MET A 254 -6.24 3.46 -16.66
CA MET A 254 -6.23 3.49 -16.67
C MET A 254 -5.03 4.16 -16.03
C MET A 254 -5.01 4.18 -16.05
N LEU A 255 -4.02 3.40 -15.59
CA LEU A 255 -2.81 3.95 -14.99
C LEU A 255 -2.02 4.85 -15.97
N ARG A 256 -2.00 4.51 -17.28
CA ARG A 256 -1.38 5.34 -18.33
C ARG A 256 -2.04 6.72 -18.38
N GLU A 257 -3.38 6.80 -18.17
CA GLU A 257 -4.12 8.07 -18.13
C GLU A 257 -3.75 8.89 -16.91
N VAL A 258 -3.45 8.22 -15.77
CA VAL A 258 -2.99 8.91 -14.56
C VAL A 258 -1.60 9.47 -14.84
N LEU A 259 -0.68 8.64 -15.36
CA LEU A 259 0.70 9.06 -15.65
C LEU A 259 0.81 10.21 -16.66
N GLU A 260 -0.18 10.34 -17.57
CA GLU A 260 -0.22 11.39 -18.60
C GLU A 260 -1.13 12.54 -18.21
N HIS A 261 -1.74 12.50 -17.02
CA HIS A 261 -2.63 13.58 -16.60
C HIS A 261 -1.87 14.91 -16.56
N PRO A 262 -2.43 16.00 -17.13
CA PRO A 262 -1.72 17.29 -17.17
C PRO A 262 -1.23 17.78 -15.81
N TRP A 263 -1.98 17.51 -14.73
CA TRP A 263 -1.57 17.93 -13.39
C TRP A 263 -0.35 17.11 -12.92
N ILE A 264 -0.31 15.81 -13.26
CA ILE A 264 0.80 14.92 -12.92
C ILE A 264 2.07 15.38 -13.69
N THR A 265 1.98 15.53 -15.03
CA THR A 265 3.14 15.93 -15.86
C THR A 265 3.68 17.31 -15.49
N ALA A 266 2.81 18.26 -15.12
CA ALA A 266 3.21 19.59 -14.72
C ALA A 266 3.97 19.63 -13.39
N ASN A 267 3.68 18.69 -12.47
CA ASN A 267 4.25 18.72 -11.13
C ASN A 267 5.20 17.58 -10.80
N SER A 268 5.24 16.51 -11.59
CA SER A 268 6.12 15.37 -11.34
C SER A 268 7.61 15.70 -11.49
N SER A 269 8.45 15.16 -10.57
CA SER A 269 9.92 15.31 -10.55
C SER A 269 10.58 14.59 -11.74
N LYS A 270 9.94 13.53 -12.26
CA LYS A 270 10.32 12.67 -13.40
C LYS A 270 11.35 11.61 -13.04
MG MG B . 1.13 -2.99 6.87
MG MG C . -0.28 -6.26 6.01
MG MG D . -5.10 11.21 9.43
S SO4 E . -24.37 7.04 -6.17
O1 SO4 E . -23.69 5.97 -6.90
O2 SO4 E . -25.73 6.61 -5.84
O3 SO4 E . -23.63 7.32 -4.94
O4 SO4 E . -24.41 8.25 -6.99
CL CL F . 11.60 12.92 14.04
CL CL G . -4.87 -15.30 -5.60
CL CL H . -25.03 12.86 5.03
CL CL I . -13.74 26.45 -4.59
CL CL J . -10.56 -17.52 7.53
CL CL K . -25.71 3.66 -0.67
S DMS L . 0.59 2.73 12.19
O DMS L . 1.34 2.98 10.96
C1 DMS L . 1.07 4.03 13.31
C2 DMS L . -1.07 3.23 11.85
S DMS M . -19.87 1.34 13.57
O DMS M . -20.82 2.30 14.14
C1 DMS M . -18.92 0.75 14.95
C2 DMS M . -20.79 -0.13 13.23
S DMS N . 12.52 -11.44 17.12
O DMS N . 11.15 -11.69 17.61
C1 DMS N . 13.45 -11.03 18.56
C2 DMS N . 13.18 -13.05 16.79
S DMS O . -3.01 21.78 -14.58
O DMS O . -2.42 21.27 -13.34
C1 DMS O . -1.75 21.57 -15.80
C2 DMS O . -4.16 20.55 -15.10
C ACT P . -1.69 0.67 -17.66
O ACT P . -2.07 -0.33 -16.99
OXT ACT P . -0.49 1.05 -17.80
CH3 ACT P . -2.75 1.50 -18.33
C ACT Q . -9.07 -4.15 -15.45
O ACT Q . -10.29 -4.21 -15.17
OXT ACT Q . -8.34 -5.13 -15.76
CH3 ACT Q . -8.42 -2.75 -15.45
PB ADP R . 1.59 -5.69 8.53
O1B ADP R . 1.41 -6.21 9.90
O2B ADP R . 1.29 -6.65 7.49
O3B ADP R . 0.89 -4.39 8.32
PA ADP R . 4.01 -4.49 7.38
O1A ADP R . 4.70 -5.36 6.38
O2A ADP R . 3.12 -3.48 6.76
O3A ADP R . 3.16 -5.38 8.40
O5' ADP R . 5.06 -3.78 8.34
C5' ADP R . 4.63 -2.99 9.47
C4' ADP R . 5.41 -1.71 9.54
O4' ADP R . 6.82 -1.97 9.73
C3' ADP R . 5.34 -0.80 8.33
O3' ADP R . 4.13 -0.05 8.33
C2' ADP R . 6.62 0.03 8.50
O2' ADP R . 6.38 0.97 9.54
C1' ADP R . 7.59 -1.03 9.00
N9 ADP R . 8.27 -1.76 7.93
C8 ADP R . 7.81 -2.87 7.28
N7 ADP R . 8.63 -3.35 6.38
C5 ADP R . 9.72 -2.48 6.42
C6 ADP R . 10.90 -2.41 5.69
N6 ADP R . 11.25 -3.34 4.78
N1 ADP R . 11.73 -1.36 5.91
C2 ADP R . 11.39 -0.46 6.84
N3 ADP R . 10.31 -0.45 7.63
C4 ADP R . 9.50 -1.49 7.38
C1 T5L S . -0.52 -10.83 6.85
C2 T5L S . -1.78 -10.02 7.21
C3 T5L S . -1.63 -8.54 6.99
O1 T5L S . 0.68 -9.90 8.71
O3 T5L S . -2.46 -7.78 7.45
O2 T5L S . -0.59 -8.14 6.24
C4 T5L S . -3.01 -10.55 6.45
C5 T5L S . -3.22 -12.04 6.71
C6 T5L S . -1.96 -12.86 6.38
C7 T5L S . -0.73 -12.32 7.13
C T5L S . 0.75 -10.27 7.45
O T5L S . 1.74 -10.15 6.77
C1 GOL T . 1.24 22.99 5.35
O1 GOL T . 1.60 22.54 6.65
C2 GOL T . 2.37 22.85 4.36
O2 GOL T . 2.89 21.52 4.42
C3 GOL T . 1.85 23.14 2.98
O3 GOL T . 2.53 22.41 1.96
C1 GOL U . 11.04 -21.23 18.75
O1 GOL U . 10.71 -20.02 19.40
C2 GOL U . 12.48 -21.27 18.28
O2 GOL U . 13.31 -20.54 19.18
C3 GOL U . 12.97 -22.69 18.17
O3 GOL U . 12.52 -23.32 16.98
C1 GOL V . -7.77 15.95 -17.54
O1 GOL V . -7.44 15.46 -18.84
C2 GOL V . -7.75 17.47 -17.47
O2 GOL V . -7.45 18.03 -18.75
C3 GOL V . -6.75 17.98 -16.45
O3 GOL V . -7.22 19.13 -15.77
C1 GOL W . 3.16 -22.62 17.29
O1 GOL W . 3.01 -21.66 18.33
C2 GOL W . 1.82 -22.98 16.69
O2 GOL W . 0.80 -22.95 17.70
C3 GOL W . 1.88 -24.36 16.07
O3 GOL W . 2.44 -24.30 14.76
C1 GOL X . 3.63 -21.72 2.47
O1 GOL X . 2.56 -20.99 3.02
C2 GOL X . 4.88 -20.87 2.37
O2 GOL X . 6.02 -21.72 2.38
C3 GOL X . 4.87 -20.02 1.12
O3 GOL X . 5.46 -20.65 -0.01
C4 T0L Y . 4.51 -21.20 7.68
C2 T0L Y . 4.52 -23.30 8.99
C3 T0L Y . 3.97 -22.02 8.79
C1 T0L Y . 4.06 -24.11 10.02
C8 T0L Y . 6.46 -20.32 6.52
C9 T0L Y . 5.92 -21.15 7.50
C10 T0L Y . 7.86 -20.30 6.34
C11 T0L Y . 2.93 -21.55 9.68
C5 T0L Y . 3.66 -20.44 6.86
N T0L Y . 8.99 -20.31 6.21
C7 T0L Y . 5.60 -19.53 5.74
CL T0L Y . 6.33 -18.42 4.66
C6 T0L Y . 4.20 -19.58 5.86
C14 T0L Y . 2.48 -22.41 10.72
N1 T0L Y . 1.49 -21.73 11.43
C13 T0L Y . 1.32 -20.47 10.86
C12 T0L Y . 2.16 -20.34 9.80
C15 T0L Y . 3.04 -23.70 10.92
C T0L Y . 4.65 -25.47 10.11
O1 T0L Y . 5.27 -26.02 9.23
O T0L Y . 4.44 -26.17 11.24
#